data_1SRU
#
_entry.id   1SRU
#
_cell.length_a   60.850
_cell.length_b   60.850
_cell.length_c   348.920
_cell.angle_alpha   90.00
_cell.angle_beta   90.00
_cell.angle_gamma   120.00
#
_symmetry.space_group_name_H-M   'P 31 1 2'
#
_entity_poly.entity_id   1
_entity_poly.type   'polypeptide(L)'
_entity_poly.pdbx_seq_one_letter_code
;MASRGVNKVILVGNLGQDPEVRYMPNGGAVANITLATSESWRDKATGEMKEQTEWHRVVLFGKLAEVASEYLRKGSQVYI
EGQLRTRKWTDQSGQDRYTTEVVVNVGGTMQML
;
_entity_poly.pdbx_strand_id   A,B,C,D
#
# COMPACT_ATOMS: atom_id res chain seq x y z
N ALA A 2 -11.49 1.79 14.11
CA ALA A 2 -10.02 2.03 13.97
C ALA A 2 -9.69 3.45 13.55
N SER A 3 -9.94 4.41 14.44
CA SER A 3 -9.66 5.80 14.21
C SER A 3 -8.17 5.93 14.47
N ARG A 4 -7.66 7.16 14.31
CA ARG A 4 -6.26 7.38 14.58
C ARG A 4 -5.36 6.43 13.78
N GLY A 5 -4.54 7.02 12.94
CA GLY A 5 -3.55 6.24 12.21
C GLY A 5 -3.87 5.03 11.37
N VAL A 6 -2.93 4.73 10.49
CA VAL A 6 -3.09 3.62 9.56
C VAL A 6 -2.00 2.63 9.80
N ASN A 7 -2.42 1.39 10.06
CA ASN A 7 -1.50 0.29 10.27
C ASN A 7 -1.67 -0.64 9.10
N LYS A 8 -0.71 -0.67 8.18
CA LYS A 8 -0.91 -1.54 7.05
C LYS A 8 0.33 -1.97 6.37
N VAL A 9 0.45 -3.27 6.20
CA VAL A 9 1.59 -3.84 5.52
C VAL A 9 1.10 -4.64 4.32
N ILE A 10 1.93 -4.67 3.28
CA ILE A 10 1.62 -5.36 2.05
C ILE A 10 2.78 -6.28 1.77
N LEU A 11 2.52 -7.57 1.61
CA LEU A 11 3.60 -8.50 1.34
C LEU A 11 3.34 -9.35 0.15
N VAL A 12 4.43 -9.68 -0.51
CA VAL A 12 4.43 -10.54 -1.66
C VAL A 12 5.67 -11.35 -1.34
N GLY A 13 5.54 -12.66 -1.30
CA GLY A 13 6.68 -13.48 -1.00
C GLY A 13 6.34 -14.95 -1.07
N ASN A 14 7.23 -15.80 -0.59
CA ASN A 14 6.99 -17.23 -0.60
C ASN A 14 6.94 -17.88 0.80
N LEU A 15 6.14 -18.93 0.93
CA LEU A 15 6.02 -19.61 2.20
C LEU A 15 7.24 -20.51 2.38
N GLY A 16 7.89 -20.40 3.54
CA GLY A 16 9.06 -21.19 3.84
C GLY A 16 8.70 -22.61 4.20
N GLN A 17 7.46 -22.82 4.60
CA GLN A 17 7.06 -24.16 4.98
C GLN A 17 5.57 -24.25 5.05
N ASP A 18 5.00 -25.36 4.59
CA ASP A 18 3.57 -25.60 4.62
C ASP A 18 2.89 -24.87 5.81
N PRO A 19 1.63 -24.41 5.61
CA PRO A 19 0.87 -23.72 6.63
C PRO A 19 0.55 -24.47 7.85
N GLU A 20 1.02 -24.00 9.01
CA GLU A 20 0.74 -24.71 10.25
C GLU A 20 -0.64 -24.30 10.78
N VAL A 21 -1.66 -25.06 10.41
CA VAL A 21 -3.04 -24.76 10.80
C VAL A 21 -3.35 -25.36 12.16
N ARG A 22 -4.08 -24.59 12.96
CA ARG A 22 -4.47 -25.00 14.31
C ARG A 22 -5.88 -24.42 14.55
N TYR A 23 -6.69 -25.12 15.34
CA TYR A 23 -8.04 -24.63 15.63
C TYR A 23 -8.19 -24.12 17.06
N MET A 24 -8.44 -22.81 17.21
CA MET A 24 -8.61 -22.18 18.54
C MET A 24 -9.85 -22.75 19.22
N PRO A 25 -10.09 -22.41 20.51
CA PRO A 25 -11.28 -22.94 21.19
C PRO A 25 -12.55 -22.86 20.33
N ASN A 26 -13.55 -22.12 20.79
CA ASN A 26 -14.77 -22.04 20.02
C ASN A 26 -14.54 -21.42 18.63
N GLY A 27 -14.68 -22.24 17.59
CA GLY A 27 -14.48 -21.70 16.25
C GLY A 27 -13.05 -21.85 15.78
N GLY A 28 -12.65 -23.09 15.55
CA GLY A 28 -11.27 -23.30 15.14
C GLY A 28 -10.89 -22.85 13.75
N ALA A 29 -10.05 -21.82 13.65
CA ALA A 29 -9.63 -21.35 12.35
C ALA A 29 -8.42 -20.45 12.49
N VAL A 30 -7.23 -21.04 12.55
CA VAL A 30 -6.00 -20.26 12.66
C VAL A 30 -4.83 -20.88 11.93
N ALA A 31 -4.30 -20.12 10.97
CA ALA A 31 -3.20 -20.58 10.16
C ALA A 31 -2.00 -19.69 10.39
N ASN A 32 -0.83 -20.31 10.39
CA ASN A 32 0.44 -19.63 10.62
C ASN A 32 1.44 -19.88 9.50
N ILE A 33 1.78 -18.81 8.78
CA ILE A 33 2.71 -18.89 7.66
C ILE A 33 3.89 -17.98 7.85
N THR A 34 5.07 -18.45 7.45
CA THR A 34 6.27 -17.64 7.55
C THR A 34 6.58 -17.28 6.12
N LEU A 35 6.55 -15.99 5.83
CA LEU A 35 6.78 -15.49 4.48
C LEU A 35 8.18 -14.98 4.29
N ALA A 36 8.75 -15.30 3.14
CA ALA A 36 10.10 -14.85 2.84
C ALA A 36 10.12 -13.83 1.70
N THR A 37 10.77 -12.67 1.93
CA THR A 37 10.88 -11.63 0.90
C THR A 37 12.36 -11.29 0.84
N SER A 38 12.95 -11.23 -0.36
CA SER A 38 14.37 -10.93 -0.42
C SER A 38 14.74 -9.74 -1.26
N GLU A 39 15.96 -9.23 -1.03
CA GLU A 39 16.48 -8.07 -1.76
C GLU A 39 17.94 -8.24 -2.26
N SER A 40 18.19 -8.06 -3.56
CA SER A 40 19.55 -8.20 -4.11
C SER A 40 19.93 -6.78 -4.37
N TRP A 41 21.16 -6.62 -4.86
CA TRP A 41 21.65 -5.31 -5.20
C TRP A 41 23.16 -5.33 -5.50
N GLU A 51 22.64 -10.54 -1.90
CA GLU A 51 21.19 -10.66 -1.52
C GLU A 51 21.03 -10.51 0.01
N GLN A 52 19.79 -10.37 0.49
CA GLN A 52 19.47 -10.22 1.92
C GLN A 52 17.97 -10.48 2.10
N THR A 53 17.65 -11.64 2.67
CA THR A 53 16.27 -12.02 2.87
C THR A 53 15.75 -11.61 4.25
N GLU A 54 14.42 -11.63 4.44
CA GLU A 54 13.80 -11.29 5.71
C GLU A 54 12.57 -12.16 5.85
N TRP A 55 12.39 -12.72 7.05
CA TRP A 55 11.27 -13.60 7.28
C TRP A 55 10.18 -12.94 8.06
N HIS A 56 8.94 -13.24 7.67
CA HIS A 56 7.76 -12.66 8.32
C HIS A 56 6.79 -13.70 8.81
N ARG A 57 6.25 -13.45 9.99
CA ARG A 57 5.29 -14.35 10.59
C ARG A 57 3.95 -13.76 10.19
N VAL A 58 3.11 -14.58 9.59
CA VAL A 58 1.81 -14.11 9.18
C VAL A 58 0.81 -15.08 9.73
N VAL A 59 -0.26 -14.55 10.30
CA VAL A 59 -1.31 -15.36 10.85
C VAL A 59 -2.60 -15.02 10.09
N LEU A 60 -3.28 -16.07 9.61
CA LEU A 60 -4.52 -15.88 8.89
C LEU A 60 -5.59 -16.35 9.84
N PHE A 61 -6.84 -16.03 9.54
CA PHE A 61 -7.93 -16.44 10.41
C PHE A 61 -9.11 -17.01 9.63
N GLY A 62 -10.12 -17.49 10.34
CA GLY A 62 -11.29 -18.03 9.67
C GLY A 62 -11.11 -18.54 8.25
N LYS A 63 -11.93 -18.04 7.33
CA LYS A 63 -11.90 -18.48 5.94
C LYS A 63 -10.50 -18.50 5.33
N LEU A 64 -9.79 -17.39 5.42
CA LEU A 64 -8.43 -17.30 4.86
C LEU A 64 -7.51 -18.39 5.44
N ALA A 65 -7.78 -18.74 6.69
CA ALA A 65 -7.01 -19.75 7.38
C ALA A 65 -7.26 -21.06 6.69
N GLU A 66 -8.52 -21.51 6.69
CA GLU A 66 -8.92 -22.76 6.03
C GLU A 66 -8.24 -22.87 4.65
N VAL A 67 -8.55 -21.93 3.76
CA VAL A 67 -8.00 -21.92 2.40
C VAL A 67 -6.49 -22.10 2.40
N ALA A 68 -5.79 -21.29 3.18
CA ALA A 68 -4.35 -21.44 3.22
C ALA A 68 -4.05 -22.94 3.38
N SER A 69 -4.60 -23.53 4.44
CA SER A 69 -4.41 -24.95 4.73
C SER A 69 -4.57 -25.80 3.48
N GLU A 70 -5.76 -25.70 2.92
CA GLU A 70 -6.13 -26.44 1.74
C GLU A 70 -5.22 -26.20 0.54
N TYR A 71 -5.11 -24.94 0.09
CA TYR A 71 -4.33 -24.64 -1.10
C TYR A 71 -2.83 -24.26 -1.02
N LEU A 72 -2.39 -23.53 0.00
CA LEU A 72 -0.96 -23.19 0.10
C LEU A 72 -0.04 -24.36 0.53
N ARG A 73 1.18 -24.37 0.03
CA ARG A 73 2.15 -25.42 0.39
C ARG A 73 3.50 -24.74 0.42
N LYS A 74 4.49 -25.39 1.05
CA LYS A 74 5.85 -24.88 1.19
C LYS A 74 6.10 -23.73 0.26
N GLY A 75 6.88 -24.01 -0.79
CA GLY A 75 7.25 -22.98 -1.75
C GLY A 75 6.26 -22.07 -2.45
N SER A 76 4.95 -22.20 -2.22
CA SER A 76 3.99 -21.31 -2.87
C SER A 76 4.21 -19.79 -2.60
N GLN A 77 3.83 -18.96 -3.57
CA GLN A 77 4.00 -17.50 -3.48
C GLN A 77 2.68 -16.79 -3.30
N VAL A 78 2.64 -15.87 -2.35
CA VAL A 78 1.41 -15.17 -2.05
C VAL A 78 1.51 -13.66 -1.98
N TYR A 79 0.35 -13.06 -1.75
CA TYR A 79 0.21 -11.63 -1.61
C TYR A 79 -0.51 -11.53 -0.29
N ILE A 80 -0.03 -10.68 0.60
CA ILE A 80 -0.66 -10.52 1.89
C ILE A 80 -0.83 -9.03 2.18
N GLU A 81 -1.96 -8.68 2.80
CA GLU A 81 -2.28 -7.32 3.20
C GLU A 81 -2.89 -7.49 4.57
N GLY A 82 -2.27 -6.91 5.59
CA GLY A 82 -2.76 -7.04 6.95
C GLY A 82 -2.22 -5.91 7.81
N GLN A 83 -2.22 -6.10 9.13
CA GLN A 83 -1.70 -5.10 10.06
C GLN A 83 -0.63 -5.72 10.94
N LEU A 84 0.13 -4.85 11.61
CA LEU A 84 1.21 -5.26 12.51
C LEU A 84 0.69 -5.33 13.93
N ARG A 85 0.94 -6.44 14.61
CA ARG A 85 0.51 -6.57 15.99
C ARG A 85 1.60 -7.27 16.75
N THR A 86 2.21 -6.58 17.70
CA THR A 86 3.26 -7.17 18.51
C THR A 86 2.63 -7.54 19.84
N ARG A 87 2.68 -8.82 20.21
CA ARG A 87 2.09 -9.31 21.47
C ARG A 87 3.11 -9.83 22.48
N LYS A 88 2.90 -9.45 23.74
CA LYS A 88 3.79 -9.82 24.84
C LYS A 88 3.41 -11.19 25.45
N TRP A 89 4.41 -11.97 25.88
CA TRP A 89 4.20 -13.29 26.50
C TRP A 89 5.46 -13.70 27.32
N THR A 90 5.30 -14.10 28.57
CA THR A 90 6.46 -14.47 29.40
C THR A 90 6.74 -15.97 29.16
N ASP A 91 7.93 -16.35 28.73
CA ASP A 91 8.13 -17.81 28.58
C ASP A 91 8.55 -18.43 29.92
N GLN A 92 8.94 -19.70 29.83
CA GLN A 92 9.36 -20.55 30.92
C GLN A 92 10.74 -20.04 31.38
N ASP A 96 10.05 -11.83 30.09
CA ASP A 96 9.14 -11.10 29.15
C ASP A 96 9.67 -11.03 27.73
N ARG A 97 8.83 -11.46 26.80
CA ARG A 97 9.16 -11.44 25.38
C ARG A 97 8.03 -10.88 24.47
N TYR A 98 8.43 -10.36 23.32
CA TYR A 98 7.45 -9.81 22.37
C TYR A 98 7.59 -10.45 20.99
N THR A 99 6.46 -10.64 20.31
CA THR A 99 6.51 -11.17 18.96
C THR A 99 5.67 -10.27 18.05
N THR A 100 6.29 -9.74 17.00
CA THR A 100 5.58 -8.86 16.08
C THR A 100 5.16 -9.64 14.85
N GLU A 101 3.92 -9.44 14.39
CA GLU A 101 3.42 -10.20 13.26
C GLU A 101 2.50 -9.42 12.36
N VAL A 102 2.22 -9.95 11.18
CA VAL A 102 1.37 -9.29 10.22
C VAL A 102 0.13 -10.09 10.37
N VAL A 103 -0.95 -9.48 10.85
CA VAL A 103 -2.20 -10.21 11.00
C VAL A 103 -3.30 -9.84 9.99
N VAL A 104 -3.79 -10.84 9.25
CA VAL A 104 -4.85 -10.64 8.27
C VAL A 104 -6.21 -10.80 8.97
N ASN A 105 -6.76 -9.68 9.42
CA ASN A 105 -8.06 -9.68 10.11
C ASN A 105 -9.17 -9.00 9.30
N VAL A 106 -9.48 -7.77 9.71
CA VAL A 106 -10.52 -6.95 9.09
C VAL A 106 -10.29 -6.74 7.59
N GLY A 107 -9.86 -5.53 7.23
CA GLY A 107 -9.58 -5.21 5.84
C GLY A 107 -8.31 -5.85 5.29
N GLY A 108 -8.04 -7.09 5.71
CA GLY A 108 -6.86 -7.76 5.23
C GLY A 108 -7.23 -8.78 4.18
N THR A 109 -6.23 -9.39 3.55
CA THR A 109 -6.49 -10.40 2.53
C THR A 109 -5.29 -11.22 2.20
N MET A 110 -5.52 -12.38 1.61
CA MET A 110 -4.47 -13.30 1.20
C MET A 110 -4.82 -13.75 -0.21
N GLN A 111 -3.82 -14.03 -1.05
CA GLN A 111 -4.08 -14.45 -2.42
C GLN A 111 -2.97 -15.31 -2.97
N MET A 112 -3.31 -16.38 -3.65
CA MET A 112 -2.31 -17.25 -4.22
C MET A 112 -1.95 -16.62 -5.54
N LEU A 113 -0.65 -16.58 -5.86
CA LEU A 113 -0.21 -15.98 -7.11
C LEU A 113 0.39 -17.05 -8.06
N ALA B 2 16.58 -7.13 -6.45
CA ALA B 2 15.77 -6.84 -5.23
C ALA B 2 14.27 -7.20 -5.40
N SER B 3 14.03 -8.23 -6.21
CA SER B 3 12.67 -8.66 -6.45
C SER B 3 12.24 -9.69 -5.45
N ARG B 4 11.82 -10.82 -5.97
CA ARG B 4 11.34 -11.90 -5.13
C ARG B 4 10.63 -11.25 -3.92
N GLY B 5 9.32 -11.04 -4.06
CA GLY B 5 8.57 -10.47 -2.96
C GLY B 5 8.58 -8.97 -2.74
N VAL B 6 7.53 -8.51 -2.07
CA VAL B 6 7.31 -7.11 -1.73
C VAL B 6 7.17 -6.96 -0.24
N ASN B 7 8.05 -6.16 0.33
CA ASN B 7 8.06 -5.91 1.76
C ASN B 7 7.63 -4.48 1.92
N LYS B 8 6.41 -4.26 2.41
CA LYS B 8 5.97 -2.90 2.53
C LYS B 8 4.94 -2.66 3.61
N VAL B 9 5.19 -1.66 4.44
CA VAL B 9 4.26 -1.29 5.49
C VAL B 9 4.01 0.20 5.37
N ILE B 10 2.75 0.60 5.49
CA ILE B 10 2.37 1.98 5.37
C ILE B 10 1.80 2.30 6.71
N LEU B 11 2.22 3.42 7.28
CA LEU B 11 1.72 3.79 8.60
C LEU B 11 1.44 5.26 8.67
N VAL B 12 0.42 5.57 9.44
CA VAL B 12 -0.02 6.93 9.67
C VAL B 12 -0.34 6.91 11.14
N GLY B 13 0.20 7.86 11.88
CA GLY B 13 -0.06 7.85 13.31
C GLY B 13 0.72 8.89 14.11
N ASN B 14 0.71 8.76 15.44
CA ASN B 14 1.42 9.71 16.29
C ASN B 14 2.55 9.18 17.15
N LEU B 15 3.57 9.99 17.36
CA LEU B 15 4.76 9.62 18.15
C LEU B 15 4.46 9.52 19.63
N GLY B 16 5.11 8.56 20.29
CA GLY B 16 4.91 8.38 21.72
C GLY B 16 5.80 9.39 22.41
N GLN B 17 7.10 9.31 22.12
CA GLN B 17 8.07 10.25 22.68
C GLN B 17 8.63 11.11 21.54
N ASP B 18 9.51 12.05 21.89
CA ASP B 18 10.15 12.88 20.87
C ASP B 18 11.17 11.98 20.15
N PRO B 19 11.74 12.45 19.04
CA PRO B 19 12.70 11.63 18.30
C PRO B 19 14.00 11.38 19.01
N GLU B 20 14.35 10.11 19.18
CA GLU B 20 15.60 9.76 19.83
C GLU B 20 16.69 9.59 18.78
N VAL B 21 17.37 10.68 18.44
CA VAL B 21 18.44 10.71 17.46
C VAL B 21 19.81 10.36 18.03
N ARG B 22 20.49 9.43 17.36
CA ARG B 22 21.83 8.96 17.73
C ARG B 22 22.71 9.18 16.51
N ALA B 29 23.48 9.79 11.78
CA ALA B 29 22.16 10.13 11.16
C ALA B 29 21.23 8.94 11.32
N VAL B 30 20.56 8.85 12.46
CA VAL B 30 19.65 7.72 12.73
C VAL B 30 18.60 8.08 13.78
N ALA B 31 17.35 8.28 13.37
CA ALA B 31 16.30 8.64 14.33
C ALA B 31 15.35 7.51 14.68
N ASN B 32 15.22 7.20 15.95
CA ASN B 32 14.30 6.16 16.35
C ASN B 32 13.02 6.84 16.81
N ILE B 33 11.89 6.49 16.22
CA ILE B 33 10.63 7.09 16.63
C ILE B 33 9.72 5.93 16.83
N THR B 34 8.71 6.13 17.65
CA THR B 34 7.77 5.07 17.89
C THR B 34 6.43 5.64 17.50
N LEU B 35 5.60 4.81 16.88
CA LEU B 35 4.31 5.29 16.42
C LEU B 35 3.07 4.55 16.89
N ALA B 36 2.03 5.30 17.26
CA ALA B 36 0.79 4.70 17.76
C ALA B 36 -0.42 4.85 16.84
N THR B 37 -1.02 3.71 16.54
CA THR B 37 -2.19 3.58 15.67
C THR B 37 -3.25 2.86 16.49
N SER B 38 -4.36 3.54 16.71
CA SER B 38 -5.40 2.92 17.51
C SER B 38 -6.43 2.26 16.63
N GLU B 39 -7.09 1.26 17.18
CA GLU B 39 -8.18 0.60 16.48
C GLU B 39 -9.41 0.62 17.42
N SER B 40 -10.58 0.22 16.91
CA SER B 40 -11.79 0.21 17.71
C SER B 40 -12.84 -0.74 17.14
N TRP B 41 -13.58 -1.41 18.03
CA TRP B 41 -14.64 -2.35 17.64
C TRP B 41 -15.67 -2.55 18.78
N GLU B 51 -11.40 0.21 22.76
CA GLU B 51 -10.10 0.62 22.15
C GLU B 51 -9.11 -0.54 22.02
N GLN B 52 -7.85 -0.17 21.77
CA GLN B 52 -6.72 -1.09 21.59
C GLN B 52 -5.70 -0.36 20.71
N THR B 53 -4.69 0.26 21.34
CA THR B 53 -3.69 0.94 20.47
C THR B 53 -2.49 0.01 20.31
N GLU B 54 -1.72 0.28 19.26
CA GLU B 54 -0.55 -0.54 18.93
C GLU B 54 0.66 0.37 18.75
N TRP B 55 1.81 -0.06 19.25
CA TRP B 55 3.03 0.73 19.14
C TRP B 55 4.09 0.22 18.17
N HIS B 56 4.45 1.09 17.24
CA HIS B 56 5.43 0.75 16.23
C HIS B 56 6.79 1.35 16.42
N ARG B 57 7.80 0.52 16.18
CA ARG B 57 9.18 0.95 16.32
C ARG B 57 9.74 1.30 14.94
N VAL B 58 9.71 2.59 14.62
CA VAL B 58 10.20 3.05 13.33
C VAL B 58 11.62 3.59 13.44
N VAL B 59 12.40 3.36 12.41
CA VAL B 59 13.79 3.77 12.35
C VAL B 59 14.07 4.55 11.08
N LEU B 60 14.50 5.80 11.20
CA LEU B 60 14.82 6.57 10.00
C LEU B 60 16.32 6.80 9.90
N PHE B 61 16.84 6.89 8.68
CA PHE B 61 18.26 7.10 8.48
C PHE B 61 18.55 8.44 7.80
N GLY B 62 19.84 8.68 7.55
CA GLY B 62 20.27 9.92 6.90
C GLY B 62 19.33 11.13 6.95
N LYS B 63 19.16 11.74 5.79
CA LYS B 63 18.34 12.92 5.58
C LYS B 63 17.08 12.96 6.44
N LEU B 64 16.24 11.95 6.28
CA LEU B 64 15.00 11.90 7.03
C LEU B 64 15.28 11.94 8.53
N ALA B 65 16.28 11.18 8.96
CA ALA B 65 16.64 11.09 10.37
C ALA B 65 16.76 12.50 10.93
N GLU B 66 17.55 13.32 10.25
CA GLU B 66 17.75 14.70 10.66
C GLU B 66 16.48 15.57 10.60
N VAL B 67 15.68 15.39 9.57
CA VAL B 67 14.48 16.18 9.48
C VAL B 67 13.61 15.86 10.68
N ALA B 68 13.48 14.57 10.98
CA ALA B 68 12.65 14.16 12.10
C ALA B 68 13.11 14.83 13.37
N SER B 69 14.41 14.75 13.64
CA SER B 69 15.05 15.36 14.82
C SER B 69 14.75 16.88 14.91
N GLU B 70 14.68 17.53 13.75
CA GLU B 70 14.44 18.98 13.62
C GLU B 70 12.99 19.46 13.62
N TYR B 71 12.06 18.64 13.13
CA TYR B 71 10.67 19.09 13.10
C TYR B 71 9.67 18.20 13.88
N LEU B 72 10.05 16.94 14.14
CA LEU B 72 9.14 16.03 14.85
C LEU B 72 9.29 16.11 16.35
N ARG B 73 8.18 16.43 16.98
CA ARG B 73 8.10 16.47 18.44
C ARG B 73 7.01 15.44 18.88
N LYS B 74 7.02 15.09 20.15
CA LYS B 74 6.07 14.08 20.65
C LYS B 74 4.73 13.92 19.86
N GLY B 75 3.79 14.87 20.04
CA GLY B 75 2.48 14.78 19.37
C GLY B 75 2.41 14.61 17.86
N SER B 76 3.42 15.10 17.11
CA SER B 76 3.46 14.98 15.65
C SER B 76 2.81 13.74 15.01
N GLN B 77 2.04 14.01 13.96
CA GLN B 77 1.34 12.99 13.19
C GLN B 77 2.14 12.81 11.91
N VAL B 78 2.48 11.58 11.56
CA VAL B 78 3.28 11.40 10.38
C VAL B 78 2.85 10.21 9.54
N TYR B 79 3.21 10.23 8.27
CA TYR B 79 2.93 9.17 7.33
C TYR B 79 4.24 8.42 7.17
N ILE B 80 4.16 7.10 7.18
CA ILE B 80 5.38 6.39 7.05
C ILE B 80 5.20 5.26 6.08
N GLU B 81 6.25 5.04 5.31
CA GLU B 81 6.33 3.99 4.33
C GLU B 81 7.72 3.40 4.37
N GLY B 82 7.86 2.18 4.88
CA GLY B 82 9.17 1.52 4.92
C GLY B 82 9.04 0.02 4.78
N GLN B 83 10.03 -0.73 5.25
CA GLN B 83 9.98 -2.18 5.19
C GLN B 83 10.14 -2.79 6.58
N LEU B 84 9.69 -4.02 6.74
CA LEU B 84 9.83 -4.64 8.03
C LEU B 84 11.21 -5.27 8.11
N ARG B 85 11.84 -5.22 9.27
CA ARG B 85 13.13 -5.86 9.44
C ARG B 85 13.19 -6.36 10.86
N THR B 86 13.52 -7.64 11.02
CA THR B 86 13.64 -8.21 12.33
C THR B 86 15.13 -8.38 12.56
N ARG B 87 15.61 -7.79 13.64
CA ARG B 87 17.03 -7.78 14.02
C ARG B 87 17.32 -8.77 15.13
N LYS B 88 18.40 -9.56 15.02
CA LYS B 88 18.78 -10.52 16.08
C LYS B 88 19.97 -10.03 16.95
N TRP B 89 19.70 -9.86 18.24
CA TRP B 89 20.70 -9.33 19.14
C TRP B 89 20.84 -10.24 20.41
N THR B 90 22.02 -10.17 21.06
CA THR B 90 22.22 -10.96 22.22
C THR B 90 21.80 -10.39 23.57
N ASP B 91 22.10 -9.24 24.17
CA ASP B 91 21.49 -9.05 25.49
C ASP B 91 22.35 -9.66 26.60
N GLN B 92 22.69 -8.79 27.51
CA GLN B 92 23.47 -9.19 28.68
C GLN B 92 23.39 -10.64 29.28
N SER B 93 22.22 -11.30 29.26
CA SER B 93 22.12 -12.63 29.81
C SER B 93 22.66 -13.57 28.81
N GLY B 94 23.15 -12.97 27.73
CA GLY B 94 23.69 -13.77 26.64
C GLY B 94 22.66 -14.68 25.98
N GLN B 95 21.40 -14.26 26.04
CA GLN B 95 20.29 -14.98 25.41
C GLN B 95 19.87 -14.31 24.13
N ASP B 96 19.49 -15.10 23.13
CA ASP B 96 19.08 -14.52 21.87
C ASP B 96 17.74 -13.74 21.94
N ARG B 97 17.67 -12.53 21.37
CA ARG B 97 16.46 -11.67 21.35
C ARG B 97 16.16 -11.18 19.93
N TYR B 98 14.89 -10.99 19.59
CA TYR B 98 14.57 -10.51 18.25
C TYR B 98 13.69 -9.26 18.33
N THR B 99 14.03 -8.25 17.51
CA THR B 99 13.23 -7.04 17.45
C THR B 99 12.88 -6.59 16.04
N THR B 100 11.59 -6.64 15.73
CA THR B 100 11.20 -6.26 14.39
C THR B 100 10.84 -4.82 14.44
N GLU B 101 11.25 -4.07 13.40
CA GLU B 101 10.97 -2.62 13.28
C GLU B 101 10.70 -2.19 11.85
N VAL B 102 10.10 -1.02 11.67
CA VAL B 102 9.77 -0.52 10.35
C VAL B 102 10.89 0.40 9.93
N VAL B 103 11.73 -0.06 9.00
CA VAL B 103 12.86 0.73 8.55
C VAL B 103 12.59 1.48 7.24
N VAL B 104 12.74 2.80 7.30
CA VAL B 104 12.54 3.69 6.15
C VAL B 104 13.86 3.87 5.38
N ASN B 105 14.17 2.94 4.46
CA ASN B 105 15.43 3.03 3.72
C ASN B 105 15.23 3.47 2.29
N VAL B 106 15.74 2.66 1.35
CA VAL B 106 15.66 2.94 -0.08
C VAL B 106 14.42 3.69 -0.55
N GLY B 107 13.43 2.91 -1.02
CA GLY B 107 12.22 3.50 -1.54
C GLY B 107 11.23 3.86 -0.46
N GLY B 108 11.72 4.16 0.73
CA GLY B 108 10.83 4.49 1.83
C GLY B 108 10.54 5.97 1.90
N THR B 109 9.81 6.43 2.92
CA THR B 109 9.47 7.85 3.03
C THR B 109 8.70 8.19 4.30
N MET B 110 8.88 9.41 4.80
CA MET B 110 8.21 9.88 6.01
C MET B 110 7.73 11.27 5.70
N GLN B 111 6.63 11.69 6.30
CA GLN B 111 6.12 13.04 6.06
C GLN B 111 5.29 13.51 7.22
N MET B 112 5.32 14.80 7.50
CA MET B 112 4.51 15.36 8.59
C MET B 112 3.10 15.64 8.11
N LEU B 113 2.11 15.32 8.94
CA LEU B 113 0.75 15.56 8.57
C LEU B 113 0.25 16.76 9.38
N ALA C 2 -13.60 -12.57 -5.49
CA ALA C 2 -13.03 -11.20 -5.66
C ALA C 2 -11.49 -11.15 -5.68
N SER C 3 -10.90 -12.26 -6.14
CA SER C 3 -9.44 -12.35 -6.20
C SER C 3 -8.94 -11.86 -7.54
N ARG C 4 -8.12 -12.70 -8.18
CA ARG C 4 -7.53 -12.31 -9.44
C ARG C 4 -7.20 -10.81 -9.36
N GLY C 5 -5.99 -10.52 -8.89
CA GLY C 5 -5.55 -9.14 -8.81
C GLY C 5 -5.93 -8.27 -7.63
N VAL C 6 -5.09 -7.27 -7.40
CA VAL C 6 -5.24 -6.30 -6.31
C VAL C 6 -5.36 -4.91 -6.88
N ASN C 7 -6.47 -4.26 -6.59
CA ASN C 7 -6.73 -2.91 -7.09
C ASN C 7 -6.68 -2.05 -5.89
N LYS C 8 -5.61 -1.28 -5.76
CA LYS C 8 -5.50 -0.46 -4.58
C LYS C 8 -4.73 0.83 -4.72
N VAL C 9 -5.35 1.91 -4.28
CA VAL C 9 -4.69 3.20 -4.33
C VAL C 9 -4.79 3.83 -2.95
N ILE C 10 -3.68 4.39 -2.48
CA ILE C 10 -3.64 5.01 -1.18
C ILE C 10 -3.35 6.45 -1.43
N LEU C 11 -4.09 7.33 -0.79
CA LEU C 11 -3.87 8.73 -1.04
C LEU C 11 -3.98 9.50 0.24
N VAL C 12 -3.18 10.57 0.29
CA VAL C 12 -3.12 11.47 1.42
C VAL C 12 -3.01 12.80 0.71
N GLY C 13 -3.85 13.77 1.06
CA GLY C 13 -3.82 15.07 0.39
C GLY C 13 -4.93 16.02 0.80
N ASN C 14 -5.09 17.09 0.03
CA ASN C 14 -6.07 18.11 0.38
C ASN C 14 -7.15 18.38 -0.67
N LEU C 15 -8.35 18.66 -0.20
CA LEU C 15 -9.48 18.91 -1.07
C LEU C 15 -9.35 20.25 -1.83
N GLY C 16 -9.83 20.24 -3.06
CA GLY C 16 -9.76 21.44 -3.88
C GLY C 16 -10.93 22.32 -3.50
N GLN C 17 -12.11 21.71 -3.46
CA GLN C 17 -13.29 22.45 -3.10
C GLN C 17 -14.04 21.63 -2.04
N ASP C 18 -15.02 22.24 -1.36
CA ASP C 18 -15.83 21.51 -0.38
C ASP C 18 -16.51 20.31 -1.05
N PRO C 19 -16.97 19.32 -0.25
CA PRO C 19 -17.64 18.10 -0.71
C PRO C 19 -18.93 18.29 -1.41
N GLU C 20 -18.97 17.84 -2.65
CA GLU C 20 -20.18 17.97 -3.46
C GLU C 20 -21.03 16.72 -3.27
N VAL C 21 -21.85 16.73 -2.24
CA VAL C 21 -22.69 15.59 -1.94
C VAL C 21 -24.09 15.69 -2.65
N ARG C 22 -24.38 14.73 -3.54
CA ARG C 22 -25.69 14.69 -4.20
C ARG C 22 -26.23 13.32 -3.74
N TYR C 23 -27.31 12.81 -4.35
CA TYR C 23 -27.88 11.48 -3.94
C TYR C 23 -28.32 10.62 -5.11
N ALA C 29 -26.50 9.83 -0.65
CA ALA C 29 -25.35 9.06 -0.08
C ALA C 29 -24.14 8.89 -1.05
N VAL C 30 -23.59 10.02 -1.49
CA VAL C 30 -22.44 9.97 -2.37
C VAL C 30 -21.74 11.33 -2.37
N ALA C 31 -20.52 11.38 -1.88
CA ALA C 31 -19.81 12.64 -1.87
C ALA C 31 -18.68 12.57 -2.89
N ASN C 32 -18.54 13.62 -3.66
CA ASN C 32 -17.50 13.61 -4.64
C ASN C 32 -16.51 14.63 -4.14
N ILE C 33 -15.27 14.16 -3.96
CA ILE C 33 -14.23 15.01 -3.48
C ILE C 33 -13.05 14.96 -4.37
N THR C 34 -12.47 16.12 -4.63
CA THR C 34 -11.33 16.22 -5.52
C THR C 34 -10.23 16.70 -4.63
N LEU C 35 -9.13 15.94 -4.57
CA LEU C 35 -7.94 16.19 -3.73
C LEU C 35 -6.71 16.64 -4.55
N ALA C 36 -5.63 16.99 -3.86
CA ALA C 36 -4.44 17.50 -4.51
C ALA C 36 -3.23 16.87 -3.81
N THR C 37 -2.30 16.53 -4.66
CA THR C 37 -1.10 15.89 -4.23
C THR C 37 0.02 16.47 -5.05
N SER C 38 0.91 17.21 -4.37
CA SER C 38 2.04 17.85 -5.03
C SER C 38 3.25 16.94 -5.04
N GLU C 39 4.22 17.26 -5.89
CA GLU C 39 5.44 16.49 -6.01
C GLU C 39 6.47 17.49 -6.49
N SER C 40 7.68 17.42 -5.96
CA SER C 40 8.71 18.39 -6.36
C SER C 40 10.11 17.87 -6.68
N TRP C 41 10.75 18.52 -7.66
CA TRP C 41 12.09 18.13 -8.13
C TRP C 41 12.82 19.29 -8.82
N GLU C 51 7.57 22.68 -9.59
CA GLU C 51 6.37 22.03 -8.91
C GLU C 51 5.51 21.18 -9.86
N GLN C 52 4.40 20.60 -9.38
CA GLN C 52 3.51 19.77 -10.21
C GLN C 52 2.44 19.16 -9.33
N THR C 53 1.24 19.70 -9.32
CA THR C 53 0.19 19.16 -8.48
C THR C 53 -0.57 18.21 -9.33
N GLU C 54 -1.26 17.26 -8.71
CA GLU C 54 -2.07 16.32 -9.47
C GLU C 54 -3.39 16.26 -8.77
N TRP C 55 -4.48 16.22 -9.54
CA TRP C 55 -5.83 16.21 -8.98
C TRP C 55 -6.60 14.91 -9.11
N HIS C 56 -7.05 14.40 -7.97
CA HIS C 56 -7.80 13.15 -7.95
C HIS C 56 -9.28 13.28 -7.73
N ARG C 57 -10.01 12.46 -8.46
CA ARG C 57 -11.45 12.45 -8.36
C ARG C 57 -11.86 11.28 -7.46
N VAL C 58 -12.08 11.58 -6.19
CA VAL C 58 -12.48 10.56 -5.25
C VAL C 58 -13.98 10.57 -5.02
N VAL C 59 -14.56 9.38 -4.86
CA VAL C 59 -15.97 9.30 -4.69
C VAL C 59 -16.27 8.36 -3.51
N LEU C 60 -16.97 8.89 -2.51
CA LEU C 60 -17.34 8.13 -1.30
C LEU C 60 -18.80 7.78 -1.29
N PHE C 61 -19.14 6.67 -0.63
CA PHE C 61 -20.53 6.28 -0.58
C PHE C 61 -21.05 6.21 0.85
N GLY C 62 -22.31 5.78 0.98
CA GLY C 62 -22.95 5.65 2.28
C GLY C 62 -22.39 6.44 3.45
N LYS C 63 -22.17 5.72 4.53
CA LYS C 63 -21.66 6.30 5.77
C LYS C 63 -20.60 7.38 5.58
N LEU C 64 -19.52 7.01 4.93
CA LEU C 64 -18.40 7.90 4.69
C LEU C 64 -18.85 9.15 3.95
N ALA C 65 -19.67 8.97 2.92
CA ALA C 65 -20.16 10.09 2.13
C ALA C 65 -20.71 11.16 3.07
N GLU C 66 -21.59 10.74 3.98
CA GLU C 66 -22.20 11.65 4.95
C GLU C 66 -21.18 12.25 5.90
N VAL C 67 -20.24 11.47 6.40
CA VAL C 67 -19.24 12.02 7.29
C VAL C 67 -18.49 13.17 6.59
N ALA C 68 -17.98 12.89 5.40
CA ALA C 68 -17.25 13.90 4.65
C ALA C 68 -18.08 15.17 4.53
N SER C 69 -19.33 14.98 4.10
CA SER C 69 -20.31 16.05 3.93
C SER C 69 -20.41 16.92 5.18
N GLU C 70 -20.41 16.26 6.33
CA GLU C 70 -20.52 16.91 7.62
C GLU C 70 -19.22 17.45 8.23
N TYR C 71 -18.08 16.83 7.91
CA TYR C 71 -16.83 17.30 8.51
C TYR C 71 -15.73 17.78 7.57
N LEU C 72 -15.84 17.42 6.31
CA LEU C 72 -14.85 17.84 5.36
C LEU C 72 -15.15 19.17 4.68
N ARG C 73 -14.23 20.11 4.85
CA ARG C 73 -14.37 21.41 4.23
C ARG C 73 -13.16 21.57 3.26
N LYS C 74 -13.23 22.56 2.37
CA LYS C 74 -12.15 22.77 1.39
C LYS C 74 -10.69 22.33 1.82
N GLY C 75 -10.06 23.11 2.73
CA GLY C 75 -8.69 22.80 3.15
C GLY C 75 -8.41 21.41 3.70
N SER C 76 -9.40 20.79 4.35
CA SER C 76 -9.24 19.44 4.92
C SER C 76 -8.22 18.47 4.28
N GLN C 77 -7.39 17.88 5.13
CA GLN C 77 -6.38 16.92 4.71
C GLN C 77 -6.91 15.55 5.06
N VAL C 78 -6.82 14.61 4.14
CA VAL C 78 -7.37 13.29 4.42
C VAL C 78 -6.56 12.14 3.86
N TYR C 79 -6.80 10.97 4.43
CA TYR C 79 -6.14 9.76 4.02
C TYR C 79 -7.18 8.99 3.25
N ILE C 80 -6.84 8.48 2.08
CA ILE C 80 -7.81 7.70 1.33
C ILE C 80 -7.26 6.40 0.86
N GLU C 81 -8.11 5.38 0.89
CA GLU C 81 -7.79 4.05 0.46
C GLU C 81 -8.99 3.45 -0.25
N GLY C 82 -8.92 3.32 -1.58
CA GLY C 82 -10.01 2.74 -2.35
C GLY C 82 -9.47 2.01 -3.57
N GLN C 83 -10.32 1.84 -4.58
CA GLN C 83 -9.90 1.19 -5.81
C GLN C 83 -10.12 2.08 -7.01
N LEU C 84 -9.39 1.80 -8.09
CA LEU C 84 -9.56 2.60 -9.30
C LEU C 84 -10.74 2.07 -10.11
N ARG C 85 -11.53 2.98 -10.65
CA ARG C 85 -12.65 2.58 -11.49
C ARG C 85 -12.79 3.59 -12.60
N THR C 86 -12.81 3.08 -13.83
CA THR C 86 -12.96 3.92 -15.00
C THR C 86 -14.36 3.67 -15.50
N ARG C 87 -15.13 4.76 -15.58
CA ARG C 87 -16.50 4.60 -16.04
C ARG C 87 -16.78 5.27 -17.39
N LYS C 88 -17.53 4.54 -18.23
CA LYS C 88 -17.88 4.97 -19.60
C LYS C 88 -19.25 5.65 -19.78
N TRP C 89 -19.26 6.93 -20.20
CA TRP C 89 -20.55 7.70 -20.38
C TRP C 89 -20.50 8.37 -21.73
N THR C 90 -21.65 8.73 -22.27
CA THR C 90 -21.70 9.37 -23.61
C THR C 90 -21.88 10.83 -23.38
N ASP C 91 -21.44 11.86 -24.06
CA ASP C 91 -21.84 13.13 -23.44
C ASP C 91 -22.82 13.77 -24.39
N GLN C 92 -23.18 15.06 -24.14
CA GLN C 92 -24.16 15.85 -24.93
C GLN C 92 -24.17 15.52 -26.41
N SER C 93 -22.99 15.62 -27.03
CA SER C 93 -22.82 15.32 -28.44
C SER C 93 -22.59 13.82 -28.76
N ASP C 96 -18.26 9.46 -27.04
CA ASP C 96 -17.97 8.55 -25.89
C ASP C 96 -16.86 9.17 -25.01
N ARG C 97 -16.95 8.95 -23.70
CA ARG C 97 -16.00 9.55 -22.75
C ARG C 97 -15.70 8.63 -21.59
N TYR C 98 -14.53 8.76 -20.96
CA TYR C 98 -14.09 7.82 -19.89
C TYR C 98 -13.56 8.66 -18.78
N THR C 99 -13.99 8.28 -17.59
CA THR C 99 -13.61 8.96 -16.39
C THR C 99 -13.17 7.96 -15.31
N THR C 100 -11.91 8.02 -14.93
CA THR C 100 -11.34 7.10 -13.95
C THR C 100 -11.37 7.89 -12.67
N GLU C 101 -11.81 7.23 -11.60
CA GLU C 101 -11.89 7.83 -10.27
C GLU C 101 -11.50 6.80 -9.21
N VAL C 102 -11.23 7.31 -8.02
CA VAL C 102 -10.88 6.45 -6.88
C VAL C 102 -12.09 6.26 -6.01
N VAL C 103 -12.64 5.05 -6.03
CA VAL C 103 -13.84 4.75 -5.28
C VAL C 103 -13.62 4.00 -3.98
N VAL C 104 -14.05 4.60 -2.88
CA VAL C 104 -13.94 4.02 -1.55
C VAL C 104 -15.13 3.15 -1.25
N ASN C 105 -15.08 1.91 -1.71
CA ASN C 105 -16.21 1.01 -1.51
C ASN C 105 -15.97 0.02 -0.39
N VAL C 106 -16.12 -1.25 -0.71
CA VAL C 106 -15.96 -2.36 0.23
C VAL C 106 -14.88 -2.17 1.30
N GLY C 107 -13.66 -2.65 1.03
CA GLY C 107 -12.59 -2.54 2.00
C GLY C 107 -11.81 -1.24 1.93
N GLY C 108 -12.50 -0.17 1.52
CA GLY C 108 -11.84 1.11 1.41
C GLY C 108 -11.94 1.83 2.73
N THR C 109 -11.58 3.11 2.72
CA THR C 109 -11.63 3.92 3.92
C THR C 109 -11.08 5.32 3.75
N MET C 110 -11.64 6.26 4.52
CA MET C 110 -11.28 7.67 4.49
C MET C 110 -11.15 8.17 5.91
N GLN C 111 -10.26 9.13 6.12
CA GLN C 111 -10.14 9.70 7.42
C GLN C 111 -9.48 11.06 7.43
N MET C 112 -9.87 11.86 8.41
CA MET C 112 -9.36 13.22 8.52
C MET C 112 -8.01 13.24 9.22
N LEU C 113 -7.11 14.02 8.68
CA LEU C 113 -5.80 14.14 9.28
C LEU C 113 -5.72 15.52 9.92
N ALA D 2 8.20 15.43 -2.79
CA ALA D 2 6.73 15.15 -2.78
C ALA D 2 6.02 15.94 -1.72
N SER D 3 5.71 17.20 -2.00
CA SER D 3 5.01 18.03 -1.03
C SER D 3 3.57 17.58 -1.08
N ARG D 4 2.82 17.99 -0.06
CA ARG D 4 1.43 17.61 -0.01
C ARG D 4 1.39 16.09 0.10
N GLY D 5 0.20 15.52 0.27
CA GLY D 5 0.00 14.09 0.42
C GLY D 5 0.69 13.02 -0.40
N VAL D 6 0.13 11.83 -0.27
CA VAL D 6 0.62 10.64 -0.91
C VAL D 6 -0.28 10.34 -2.04
N ASN D 7 0.33 9.83 -3.11
CA ASN D 7 -0.33 9.44 -4.32
C ASN D 7 0.30 8.11 -4.65
N LYS D 8 -0.44 7.03 -4.47
CA LYS D 8 0.13 5.74 -4.73
C LYS D 8 -0.94 4.70 -5.00
N VAL D 9 -0.68 3.85 -5.98
CA VAL D 9 -1.57 2.78 -6.34
C VAL D 9 -0.71 1.53 -6.39
N ILE D 10 -1.30 0.39 -6.05
CA ILE D 10 -0.55 -0.85 -6.06
C ILE D 10 -1.43 -1.78 -6.86
N LEU D 11 -0.88 -2.43 -7.87
CA LEU D 11 -1.74 -3.29 -8.64
C LEU D 11 -1.06 -4.60 -8.73
N VAL D 12 -1.89 -5.61 -8.83
CA VAL D 12 -1.45 -6.98 -8.98
C VAL D 12 -2.45 -7.49 -10.02
N GLY D 13 -1.97 -7.88 -11.20
CA GLY D 13 -2.88 -8.38 -12.23
C GLY D 13 -2.13 -9.08 -13.35
N ASN D 14 -2.81 -9.31 -14.47
CA ASN D 14 -2.14 -9.91 -15.63
C ASN D 14 -2.34 -8.96 -16.79
N LEU D 15 -1.37 -8.91 -17.70
CA LEU D 15 -1.47 -8.05 -18.86
C LEU D 15 -2.45 -8.67 -19.84
N GLY D 16 -3.31 -7.84 -20.39
CA GLY D 16 -4.27 -8.34 -21.34
C GLY D 16 -3.71 -8.15 -22.72
N GLN D 17 -2.39 -8.07 -22.80
CA GLN D 17 -1.75 -7.86 -24.10
C GLN D 17 -0.26 -7.61 -24.03
N ASP D 18 0.50 -8.23 -24.94
CA ASP D 18 1.96 -8.06 -24.93
C ASP D 18 2.29 -6.58 -24.74
N PRO D 19 3.48 -6.33 -24.13
CA PRO D 19 3.99 -4.99 -23.88
C PRO D 19 4.25 -4.11 -25.03
N GLU D 20 3.47 -3.02 -25.18
CA GLU D 20 3.70 -2.12 -26.30
C GLU D 20 4.90 -1.20 -26.06
N VAL D 21 6.11 -1.68 -26.42
CA VAL D 21 7.32 -0.89 -26.21
C VAL D 21 7.64 0.11 -27.33
N ARG D 22 7.95 1.33 -26.96
CA ARG D 22 8.27 2.36 -27.95
C ARG D 22 9.45 3.01 -27.31
N TYR D 23 10.01 4.02 -27.97
CA TYR D 23 11.18 4.72 -27.44
C TYR D 23 10.92 6.18 -27.68
N MET D 24 10.78 6.98 -26.64
CA MET D 24 10.52 8.39 -26.90
C MET D 24 11.82 8.98 -27.39
N PRO D 25 11.83 10.25 -27.79
CA PRO D 25 13.03 10.93 -28.30
C PRO D 25 14.36 10.63 -27.59
N ASN D 26 14.95 11.64 -26.97
CA ASN D 26 16.22 11.46 -26.28
C ASN D 26 16.06 10.48 -25.13
N GLY D 27 16.44 9.22 -25.35
CA GLY D 27 16.32 8.23 -24.28
C GLY D 27 15.13 7.33 -24.52
N GLY D 28 15.31 6.44 -25.47
CA GLY D 28 14.20 5.56 -25.77
C GLY D 28 13.91 4.55 -24.69
N ALA D 29 12.74 4.68 -24.07
CA ALA D 29 12.35 3.72 -23.06
C ALA D 29 11.00 4.08 -22.54
N VAL D 30 9.96 3.50 -23.13
CA VAL D 30 8.60 3.74 -22.69
C VAL D 30 7.70 2.58 -23.06
N ALA D 31 7.34 1.79 -22.06
CA ALA D 31 6.48 0.64 -22.24
C ALA D 31 5.05 0.89 -21.73
N ASN D 32 4.06 0.39 -22.45
CA ASN D 32 2.67 0.55 -22.06
C ASN D 32 2.01 -0.80 -21.84
N ILE D 33 1.50 -1.04 -20.61
CA ILE D 33 0.81 -2.28 -20.31
C ILE D 33 -0.63 -2.00 -19.87
N THR D 34 -1.50 -2.98 -20.09
CA THR D 34 -2.91 -2.89 -19.76
C THR D 34 -3.10 -4.00 -18.79
N LEU D 35 -3.20 -3.63 -17.52
CA LEU D 35 -3.35 -4.61 -16.47
C LEU D 35 -4.80 -4.87 -16.09
N ALA D 36 -5.14 -6.15 -15.90
CA ALA D 36 -6.49 -6.54 -15.55
C ALA D 36 -6.63 -7.06 -14.11
N THR D 37 -7.63 -6.54 -13.40
CA THR D 37 -7.89 -6.95 -12.03
C THR D 37 -9.37 -7.10 -11.83
N SER D 38 -9.82 -8.32 -11.59
CA SER D 38 -11.25 -8.50 -11.45
C SER D 38 -11.67 -8.79 -10.02
N GLU D 39 -12.99 -8.82 -9.79
CA GLU D 39 -13.51 -9.15 -8.48
C GLU D 39 -14.92 -9.76 -8.64
N SER D 40 -15.21 -10.51 -7.59
CA SER D 40 -16.51 -11.12 -7.41
C SER D 40 -17.30 -10.62 -6.08
N TRP D 41 -18.37 -11.37 -5.74
CA TRP D 41 -19.27 -11.10 -4.60
C TRP D 41 -20.53 -12.03 -4.48
N GLU D 51 -18.51 -11.75 -12.19
CA GLU D 51 -17.13 -11.20 -12.05
C GLU D 51 -16.92 -9.87 -12.80
N GLN D 52 -16.74 -8.79 -12.04
CA GLN D 52 -16.55 -7.44 -12.56
C GLN D 52 -15.07 -7.05 -12.69
N THR D 53 -14.58 -6.98 -13.93
CA THR D 53 -13.18 -6.66 -14.15
C THR D 53 -12.89 -5.22 -14.57
N GLU D 54 -11.69 -4.73 -14.27
CA GLU D 54 -11.27 -3.35 -14.55
C GLU D 54 -9.91 -3.33 -15.23
N TRP D 55 -9.79 -2.49 -16.25
CA TRP D 55 -8.57 -2.41 -17.03
C TRP D 55 -7.76 -1.22 -16.66
N HIS D 56 -6.46 -1.45 -16.57
CA HIS D 56 -5.54 -0.43 -16.12
C HIS D 56 -4.53 -0.06 -17.15
N ARG D 57 -4.27 1.23 -17.25
CA ARG D 57 -3.32 1.71 -18.21
C ARG D 57 -2.07 2.08 -17.46
N VAL D 58 -1.05 1.24 -17.55
CA VAL D 58 0.17 1.51 -16.82
C VAL D 58 1.21 1.86 -17.86
N VAL D 59 2.23 2.61 -17.47
CA VAL D 59 3.32 3.00 -18.36
C VAL D 59 4.64 2.93 -17.58
N LEU D 60 5.56 2.11 -18.09
CA LEU D 60 6.84 1.92 -17.44
C LEU D 60 7.91 2.68 -18.23
N PHE D 61 8.98 3.12 -17.56
CA PHE D 61 10.09 3.86 -18.20
C PHE D 61 11.48 3.24 -17.99
N GLY D 62 12.46 3.85 -18.61
CA GLY D 62 13.82 3.34 -18.47
C GLY D 62 13.94 1.84 -18.36
N LYS D 63 14.76 1.41 -17.42
CA LYS D 63 15.03 -0.02 -17.21
C LYS D 63 13.76 -0.87 -17.10
N LEU D 64 12.77 -0.40 -16.35
CA LEU D 64 11.54 -1.18 -16.16
C LEU D 64 10.87 -1.38 -17.52
N ALA D 65 10.98 -0.39 -18.40
CA ALA D 65 10.41 -0.50 -19.73
C ALA D 65 11.01 -1.70 -20.45
N GLU D 66 12.32 -1.65 -20.65
CA GLU D 66 13.03 -2.72 -21.32
C GLU D 66 12.67 -4.12 -20.82
N VAL D 67 12.90 -4.35 -19.53
CA VAL D 67 12.63 -5.65 -18.94
C VAL D 67 11.21 -6.02 -19.25
N ALA D 68 10.32 -5.06 -19.12
CA ALA D 68 8.92 -5.31 -19.40
C ALA D 68 8.91 -5.94 -20.80
N SER D 69 9.59 -5.27 -21.71
CA SER D 69 9.69 -5.67 -23.10
C SER D 69 10.35 -7.04 -23.30
N GLU D 70 11.39 -7.31 -22.54
CA GLU D 70 12.07 -8.58 -22.69
C GLU D 70 11.39 -9.77 -21.99
N TYR D 71 10.88 -9.55 -20.79
CA TYR D 71 10.28 -10.67 -20.09
C TYR D 71 8.75 -10.74 -20.02
N LEU D 72 8.06 -9.60 -20.10
CA LEU D 72 6.57 -9.62 -20.03
C LEU D 72 5.81 -9.98 -21.33
N ARG D 73 4.82 -10.86 -21.24
CA ARG D 73 4.04 -11.28 -22.41
C ARG D 73 2.56 -11.49 -22.07
N LYS D 74 1.69 -10.99 -22.94
CA LYS D 74 0.25 -11.09 -22.75
C LYS D 74 -0.11 -11.55 -21.33
N GLY D 75 -0.77 -12.70 -21.21
CA GLY D 75 -1.21 -13.20 -19.90
C GLY D 75 -0.37 -13.10 -18.63
N SER D 76 0.88 -12.64 -18.74
CA SER D 76 1.79 -12.52 -17.58
C SER D 76 1.13 -11.80 -16.41
N GLN D 77 1.48 -12.19 -15.20
CA GLN D 77 0.93 -11.57 -14.00
C GLN D 77 2.02 -10.70 -13.39
N VAL D 78 1.68 -9.50 -12.95
CA VAL D 78 2.71 -8.63 -12.37
C VAL D 78 2.22 -7.80 -11.20
N TYR D 79 3.18 -7.26 -10.47
CA TYR D 79 2.90 -6.42 -9.34
C TYR D 79 3.28 -5.03 -9.76
N ILE D 80 2.45 -4.04 -9.49
CA ILE D 80 2.82 -2.70 -9.86
C ILE D 80 2.57 -1.70 -8.74
N GLU D 81 3.55 -0.84 -8.54
CA GLU D 81 3.55 0.20 -7.53
C GLU D 81 3.90 1.44 -8.32
N GLY D 82 2.94 2.34 -8.44
CA GLY D 82 3.17 3.53 -9.22
C GLY D 82 2.35 4.69 -8.70
N GLN D 83 2.27 5.77 -9.47
CA GLN D 83 1.55 6.96 -9.06
C GLN D 83 0.48 7.16 -10.08
N LEU D 84 -0.57 7.88 -9.70
CA LEU D 84 -1.70 8.16 -10.58
C LEU D 84 -1.48 9.50 -11.21
N ARG D 85 -1.53 9.55 -12.54
CA ARG D 85 -1.36 10.80 -13.26
C ARG D 85 -2.40 10.92 -14.37
N THR D 86 -3.02 12.08 -14.47
CA THR D 86 -3.99 12.29 -15.52
C THR D 86 -3.46 13.39 -16.39
N ARG D 87 -3.29 13.08 -17.67
CA ARG D 87 -2.73 14.01 -18.64
C ARG D 87 -3.75 14.35 -19.70
N LYS D 88 -3.99 15.63 -19.94
CA LYS D 88 -4.98 16.04 -20.94
C LYS D 88 -4.36 16.18 -22.32
N TRP D 89 -5.20 16.06 -23.35
CA TRP D 89 -4.73 16.22 -24.72
C TRP D 89 -5.92 16.43 -25.69
N THR D 90 -5.80 17.43 -26.57
CA THR D 90 -6.86 17.72 -27.53
C THR D 90 -6.75 16.77 -28.71
N ASP D 91 -7.88 16.17 -29.10
CA ASP D 91 -7.86 15.21 -30.22
C ASP D 91 -8.07 15.90 -31.58
N GLN D 92 -8.06 15.10 -32.65
CA GLN D 92 -8.31 15.57 -34.03
C GLN D 92 -9.83 15.76 -34.08
N SER D 93 -10.28 16.79 -33.36
CA SER D 93 -11.68 17.14 -33.24
C SER D 93 -11.80 18.41 -32.41
N ASP D 96 -11.13 18.67 -26.00
CA ASP D 96 -10.22 18.31 -24.86
C ASP D 96 -10.47 16.92 -24.28
N ARG D 97 -9.40 16.14 -24.15
CA ARG D 97 -9.45 14.79 -23.59
C ARG D 97 -8.50 14.64 -22.37
N TYR D 98 -8.84 13.68 -21.51
CA TYR D 98 -8.08 13.40 -20.29
C TYR D 98 -7.96 11.88 -20.11
N THR D 99 -6.76 11.46 -19.73
CA THR D 99 -6.51 10.05 -19.47
C THR D 99 -5.65 9.92 -18.26
N THR D 100 -6.14 9.20 -17.26
CA THR D 100 -5.35 8.99 -16.09
C THR D 100 -4.64 7.62 -16.23
N GLU D 101 -3.35 7.57 -15.86
CA GLU D 101 -2.59 6.32 -15.96
C GLU D 101 -1.84 6.02 -14.66
N VAL D 102 -1.34 4.80 -14.53
CA VAL D 102 -0.55 4.41 -13.39
C VAL D 102 0.88 4.42 -13.90
N VAL D 103 1.63 5.46 -13.59
CA VAL D 103 2.99 5.54 -14.06
C VAL D 103 3.99 5.05 -13.02
N VAL D 104 4.97 4.32 -13.50
CA VAL D 104 5.98 3.80 -12.63
C VAL D 104 7.24 4.61 -12.92
N ASN D 105 7.61 5.46 -11.97
CA ASN D 105 8.81 6.31 -12.08
C ASN D 105 9.72 6.27 -10.80
N VAL D 106 9.64 7.32 -9.96
CA VAL D 106 10.42 7.43 -8.73
C VAL D 106 10.39 6.22 -7.74
N GLY D 107 9.73 6.38 -6.58
CA GLY D 107 9.65 5.28 -5.61
C GLY D 107 8.73 4.16 -6.06
N GLY D 108 8.78 3.88 -7.36
CA GLY D 108 7.96 2.86 -7.96
C GLY D 108 8.67 1.56 -8.27
N THR D 109 7.90 0.55 -8.64
CA THR D 109 8.48 -0.74 -8.96
C THR D 109 7.52 -1.56 -9.80
N MET D 110 8.07 -2.58 -10.42
CA MET D 110 7.31 -3.47 -11.26
C MET D 110 7.99 -4.79 -10.99
N GLN D 111 7.26 -5.89 -11.12
CA GLN D 111 7.84 -7.19 -10.82
C GLN D 111 7.05 -8.38 -11.41
N MET D 112 7.75 -9.44 -11.75
CA MET D 112 7.14 -10.62 -12.33
C MET D 112 6.73 -11.49 -11.18
N LEU D 113 5.50 -12.02 -11.22
CA LEU D 113 4.99 -12.84 -10.15
C LEU D 113 4.89 -14.28 -10.63
#